data_1GGP
#
_entry.id   1GGP
#
_cell.length_a   44.960
_cell.length_b   69.870
_cell.length_c   180.960
_cell.angle_alpha   90.00
_cell.angle_beta   90.00
_cell.angle_gamma   90.00
#
_symmetry.space_group_name_H-M   'P 21 21 21'
#
loop_
_entity.id
_entity.type
_entity.pdbx_description
1 polymer 'PROTEIN (LECTIN 1 A CHAIN)'
2 polymer 'PROTEIN (LECTIN 1 B CHAIN)'
3 water water
#
loop_
_entity_poly.entity_id
_entity_poly.type
_entity_poly.pdbx_seq_one_letter_code
_entity_poly.pdbx_strand_id
1 'polypeptide(L)'
;STDASYNADIKEERDAAEGPMAHGIPALNAGALDEARAYATVDSANTDEEVSVAVDVTNLAVVAYRAGSNSYFHAAAPGS
SLSHLFSRSSQHTLGFDNTYGDMAQAAGSNRKAIPLGAAALESGIASLNSKNPLARTLMVIIQMLVEAARFRYIQNNVDV
SIETQSAFAADAAMISLENNWANLSALVQGSSGGQGTFASSATLQNAEDEPIIVDAVYHPTVAAVLALMLRKAC
;
A
2 'polypeptide(L)'
;CAAATVRIAGRDGFCADVNGEGQNGAAIILKKCAENDNQLWTLKREATIRSNGGCLTTAAAEQAKAGIYDCTQATAELSA
WEIADNGTIINPASSLVLSSGAANSLLDLGVQTNSYASAQGWRTGNETSASVTQISGSAQLCMQAGNGPANLWMSECRAG
KAEQQWALLTDKSIRSETNSDNCLTSAADAGPKTILLALCSGPASQRWVFDDDGSILSLYDDKQMDSEGAAAAAKQIILW
WNAAEPNQIWLALF
;
B
#
# COMPACT_ATOMS: atom_id res chain seq x y z
N SER A 1 5.21 -11.65 24.82
CA SER A 1 5.05 -12.57 23.65
C SER A 1 3.61 -12.55 23.13
N THR A 2 3.16 -11.38 22.71
CA THR A 2 1.80 -11.24 22.19
C THR A 2 1.77 -10.29 21.00
N ASP A 3 0.77 -10.47 20.13
CA ASP A 3 0.60 -9.64 18.95
C ASP A 3 0.14 -8.24 19.30
N ALA A 4 -0.76 -8.15 20.27
CA ALA A 4 -1.30 -6.87 20.70
C ALA A 4 -0.18 -6.04 21.33
N SER A 5 0.59 -6.67 22.20
CA SER A 5 1.70 -6.00 22.88
C SER A 5 2.69 -5.49 21.85
N TYR A 6 2.89 -6.30 20.82
CA TYR A 6 3.81 -5.98 19.73
C TYR A 6 3.16 -4.98 18.78
N ASN A 7 1.85 -5.14 18.58
CA ASN A 7 1.10 -4.25 17.71
C ASN A 7 1.18 -2.87 18.35
N ALA A 8 0.61 -2.76 19.54
CA ALA A 8 0.63 -1.49 20.26
C ALA A 8 2.05 -0.92 20.21
N ASP A 9 3.04 -1.79 20.36
CA ASP A 9 4.44 -1.37 20.33
C ASP A 9 4.79 -0.52 19.09
N ILE A 10 4.69 -1.11 17.90
CA ILE A 10 5.02 -0.38 16.68
C ILE A 10 4.04 0.76 16.43
N LYS A 11 2.84 0.65 17.00
CA LYS A 11 1.85 1.70 16.86
C LYS A 11 2.42 2.96 17.49
N GLU A 12 2.90 2.83 18.73
CA GLU A 12 3.49 3.94 19.47
C GLU A 12 4.73 4.49 18.77
N GLU A 13 5.27 3.71 17.84
CA GLU A 13 6.45 4.10 17.08
C GLU A 13 6.05 4.87 15.83
N ARG A 14 4.88 4.54 15.30
CA ARG A 14 4.37 5.17 14.10
C ARG A 14 3.77 6.52 14.42
N ASP A 15 3.07 6.62 15.55
CA ASP A 15 2.45 7.87 15.97
C ASP A 15 3.24 8.53 17.10
N ALA A 16 4.49 8.86 16.79
CA ALA A 16 5.39 9.49 17.74
C ALA A 16 6.50 10.12 16.91
N ALA A 17 6.61 9.65 15.68
CA ALA A 17 7.61 10.14 14.74
C ALA A 17 6.92 10.41 13.41
N GLU A 18 5.89 11.25 13.43
CA GLU A 18 5.16 11.55 12.22
C GLU A 18 4.50 12.92 12.18
N GLY A 19 4.79 13.68 11.13
CA GLY A 19 4.18 14.99 10.97
C GLY A 19 3.18 14.83 9.84
N PRO A 20 2.15 15.69 9.77
CA PRO A 20 1.09 15.67 8.74
C PRO A 20 1.36 14.87 7.46
N MET A 21 0.38 14.05 7.09
CA MET A 21 0.45 13.17 5.92
C MET A 21 0.29 13.86 4.57
N ALA A 22 0.42 13.05 3.51
CA ALA A 22 0.30 13.52 2.12
C ALA A 22 -0.88 12.87 1.39
N HIS A 23 -0.75 11.59 1.06
CA HIS A 23 -1.84 10.86 0.39
C HIS A 23 -2.60 10.04 1.41
N GLY A 24 -2.53 10.46 2.67
CA GLY A 24 -3.20 9.73 3.72
C GLY A 24 -2.16 8.96 4.50
N ILE A 25 -0.93 8.98 3.99
CA ILE A 25 0.17 8.30 4.64
C ILE A 25 1.03 9.38 5.30
N PRO A 26 1.22 9.27 6.62
CA PRO A 26 2.02 10.24 7.37
C PRO A 26 3.44 10.32 6.84
N ALA A 27 4.17 11.33 7.29
CA ALA A 27 5.55 11.53 6.86
C ALA A 27 6.40 12.05 8.01
N LEU A 28 7.65 11.64 8.02
CA LEU A 28 8.58 12.05 9.06
C LEU A 28 8.84 13.55 9.04
N ASN A 29 9.26 14.10 10.18
CA ASN A 29 9.53 15.53 10.29
C ASN A 29 10.79 15.91 9.50
N ALA A 30 10.73 17.07 8.83
CA ALA A 30 11.84 17.56 8.02
C ALA A 30 12.89 18.24 8.90
N GLY A 31 13.83 18.93 8.26
CA GLY A 31 14.87 19.62 8.99
C GLY A 31 14.37 20.48 10.13
N ALA A 32 13.05 20.56 10.28
CA ALA A 32 12.44 21.35 11.34
C ALA A 32 12.61 20.61 12.67
N LEU A 33 13.75 19.96 12.85
CA LEU A 33 14.04 19.22 14.07
C LEU A 33 15.33 19.71 14.72
N ASP A 34 15.22 20.10 15.99
CA ASP A 34 16.38 20.56 16.75
C ASP A 34 17.14 19.31 17.20
N GLU A 35 18.46 19.38 17.25
CA GLU A 35 19.24 18.23 17.68
C GLU A 35 18.73 17.84 19.05
N ALA A 36 17.92 18.72 19.64
CA ALA A 36 17.33 18.51 20.94
C ALA A 36 15.95 17.88 20.80
N ARG A 37 15.74 17.18 19.69
CA ARG A 37 14.46 16.51 19.44
C ARG A 37 14.57 15.64 18.20
N ALA A 38 15.79 15.46 17.70
CA ALA A 38 15.99 14.64 16.52
C ALA A 38 16.21 13.19 16.92
N TYR A 39 16.38 12.94 18.21
CA TYR A 39 16.62 11.59 18.68
C TYR A 39 15.55 10.97 19.56
N ALA A 40 15.09 9.79 19.15
CA ALA A 40 14.07 9.05 19.88
C ALA A 40 14.73 7.85 20.53
N THR A 41 14.33 7.55 21.76
CA THR A 41 14.89 6.41 22.48
C THR A 41 13.84 5.34 22.68
N VAL A 42 14.20 4.11 22.31
CA VAL A 42 13.30 2.98 22.43
C VAL A 42 13.97 1.94 23.33
N ASP A 43 13.20 1.33 24.21
CA ASP A 43 13.75 0.32 25.10
C ASP A 43 13.35 -1.05 24.59
N SER A 44 14.15 -2.05 24.94
CA SER A 44 13.89 -3.42 24.52
C SER A 44 14.41 -4.42 25.56
N ALA A 45 13.50 -5.11 26.22
CA ALA A 45 13.86 -6.09 27.24
C ALA A 45 13.51 -7.52 26.79
N ASN A 46 14.09 -8.51 27.45
CA ASN A 46 13.84 -9.93 27.15
C ASN A 46 13.88 -10.77 28.44
N THR A 47 14.98 -11.50 28.67
CA THR A 47 15.11 -12.30 29.88
C THR A 47 15.61 -11.31 30.94
N ASP A 48 15.34 -10.04 30.68
CA ASP A 48 15.71 -8.92 31.54
C ASP A 48 17.05 -8.31 31.11
N GLU A 49 17.45 -8.65 29.89
CA GLU A 49 18.67 -8.13 29.28
C GLU A 49 18.08 -7.14 28.30
N GLU A 50 18.09 -5.87 28.67
CA GLU A 50 17.51 -4.83 27.84
C GLU A 50 18.49 -3.86 27.21
N VAL A 51 18.07 -3.30 26.08
CA VAL A 51 18.88 -2.32 25.37
C VAL A 51 18.08 -1.03 25.20
N SER A 52 18.70 -0.06 24.55
CA SER A 52 18.07 1.21 24.29
C SER A 52 18.50 1.63 22.90
N VAL A 53 17.56 1.97 22.05
CA VAL A 53 17.92 2.38 20.71
C VAL A 53 17.76 3.88 20.54
N ALA A 54 18.70 4.49 19.84
CA ALA A 54 18.68 5.91 19.59
C ALA A 54 18.45 6.16 18.11
N VAL A 55 17.19 6.19 17.70
CA VAL A 55 16.86 6.41 16.30
C VAL A 55 16.70 7.88 15.95
N ASP A 56 16.91 8.17 14.67
CA ASP A 56 16.77 9.51 14.12
C ASP A 56 15.30 9.60 13.73
N VAL A 57 14.59 10.61 14.22
CA VAL A 57 13.18 10.71 13.89
C VAL A 57 12.91 11.39 12.56
N THR A 58 13.96 11.82 11.86
CA THR A 58 13.78 12.45 10.56
C THR A 58 13.77 11.36 9.49
N ASN A 59 14.68 10.37 9.62
CA ASN A 59 14.75 9.29 8.64
C ASN A 59 14.72 7.88 9.24
N LEU A 60 14.49 7.79 10.55
CA LEU A 60 14.40 6.51 11.25
C LEU A 60 15.67 5.66 11.35
N ALA A 61 16.84 6.30 11.44
CA ALA A 61 18.09 5.55 11.54
C ALA A 61 18.59 5.37 12.98
N VAL A 62 19.22 4.23 13.26
CA VAL A 62 19.76 3.96 14.59
C VAL A 62 21.15 4.60 14.68
N VAL A 63 21.27 5.64 15.49
CA VAL A 63 22.53 6.35 15.64
C VAL A 63 23.46 5.83 16.76
N ALA A 64 22.96 4.88 17.55
CA ALA A 64 23.71 4.28 18.65
C ALA A 64 22.80 3.48 19.56
N TYR A 65 23.39 2.77 20.51
CA TYR A 65 22.64 1.95 21.44
C TYR A 65 23.37 1.79 22.78
N ARG A 66 22.62 1.81 23.87
CA ARG A 66 23.16 1.68 25.23
C ARG A 66 23.14 0.28 25.82
N ALA A 67 24.11 -0.01 26.68
CA ALA A 67 24.24 -1.30 27.32
C ALA A 67 24.61 -1.20 28.81
N GLY A 68 23.80 -0.47 29.57
CA GLY A 68 24.04 -0.31 30.99
C GLY A 68 24.99 0.83 31.32
N SER A 69 26.25 0.68 30.94
CA SER A 69 27.26 1.71 31.17
C SER A 69 28.06 1.93 29.89
N ASN A 70 27.59 1.32 28.80
CA ASN A 70 28.26 1.44 27.52
C ASN A 70 27.31 1.71 26.37
N SER A 71 27.69 2.66 25.51
CA SER A 71 26.89 3.02 24.34
C SER A 71 27.77 2.73 23.12
N TYR A 72 27.13 2.50 21.96
CA TYR A 72 27.87 2.18 20.74
C TYR A 72 27.27 2.87 19.53
N PHE A 73 27.91 3.96 19.10
CA PHE A 73 27.44 4.75 17.96
C PHE A 73 27.96 4.24 16.62
N HIS A 74 27.10 4.24 15.61
CA HIS A 74 27.48 3.80 14.28
C HIS A 74 28.46 4.80 13.67
N ALA A 75 29.34 4.30 12.81
CA ALA A 75 30.35 5.12 12.16
C ALA A 75 29.80 6.38 11.50
N ALA A 76 28.57 6.31 10.99
CA ALA A 76 27.95 7.45 10.32
C ALA A 76 27.33 8.46 11.29
N ALA A 77 27.72 8.39 12.56
CA ALA A 77 27.16 9.30 13.55
C ALA A 77 27.85 10.67 13.59
N PRO A 78 27.06 11.76 13.42
CA PRO A 78 27.64 13.10 13.45
C PRO A 78 28.18 13.40 14.84
N GLY A 79 29.11 14.36 14.91
CA GLY A 79 29.69 14.72 16.20
C GLY A 79 28.65 15.09 17.23
N SER A 80 27.81 16.07 16.91
CA SER A 80 26.76 16.57 17.81
C SER A 80 25.86 15.48 18.40
N SER A 81 26.04 14.24 17.94
CA SER A 81 25.22 13.15 18.44
C SER A 81 25.79 12.48 19.67
N LEU A 82 27.10 12.53 19.84
CA LEU A 82 27.77 11.91 21.00
C LEU A 82 27.61 12.79 22.23
N SER A 83 27.65 14.10 22.03
CA SER A 83 27.55 15.09 23.09
C SER A 83 26.17 15.25 23.69
N HIS A 84 25.22 14.43 23.26
CA HIS A 84 23.88 14.51 23.81
C HIS A 84 23.03 13.28 23.58
N LEU A 85 23.67 12.12 23.51
CA LEU A 85 22.96 10.85 23.32
C LEU A 85 22.94 10.11 24.66
N PHE A 86 23.92 9.25 24.87
CA PHE A 86 24.03 8.49 26.12
C PHE A 86 25.34 8.98 26.74
N SER A 87 25.43 10.30 26.89
CA SER A 87 26.62 10.97 27.41
C SER A 87 27.13 10.49 28.77
N ARG A 88 26.22 10.17 29.66
CA ARG A 88 26.58 9.71 31.00
C ARG A 88 27.13 8.27 31.00
N SER A 89 27.50 7.79 29.81
CA SER A 89 28.03 6.44 29.65
C SER A 89 29.44 6.44 29.06
N SER A 90 30.02 5.25 28.93
CA SER A 90 31.35 5.12 28.33
C SER A 90 31.13 4.92 26.84
N GLN A 91 31.18 6.02 26.10
CA GLN A 91 30.95 6.04 24.66
C GLN A 91 31.87 5.10 23.90
N HIS A 92 31.46 4.76 22.68
CA HIS A 92 32.23 3.87 21.80
C HIS A 92 31.84 4.16 20.36
N THR A 93 32.64 3.68 19.40
CA THR A 93 32.36 3.89 17.98
C THR A 93 32.49 2.59 17.19
N LEU A 94 31.55 2.34 16.28
CA LEU A 94 31.57 1.12 15.47
C LEU A 94 32.27 1.33 14.14
N GLY A 95 32.67 0.23 13.50
CA GLY A 95 33.36 0.31 12.22
C GLY A 95 32.48 0.22 10.98
N PHE A 96 31.19 0.46 11.15
CA PHE A 96 30.23 0.43 10.05
C PHE A 96 29.02 1.30 10.38
N ASP A 97 28.17 1.55 9.38
CA ASP A 97 26.99 2.37 9.61
C ASP A 97 25.72 1.53 9.71
N ASN A 98 24.59 2.23 9.85
CA ASN A 98 23.28 1.61 9.98
C ASN A 98 22.73 1.11 8.66
N THR A 99 23.54 1.20 7.61
CA THR A 99 23.10 0.75 6.32
C THR A 99 23.15 -0.77 6.31
N TYR A 100 22.34 -1.38 5.45
CA TYR A 100 22.31 -2.82 5.35
C TYR A 100 23.54 -3.26 4.59
N GLY A 101 23.89 -2.48 3.58
CA GLY A 101 25.06 -2.79 2.78
C GLY A 101 26.29 -2.86 3.67
N ASP A 102 26.21 -2.16 4.80
CA ASP A 102 27.29 -2.11 5.76
C ASP A 102 27.18 -3.28 6.73
N MET A 103 26.07 -3.31 7.46
CA MET A 103 25.85 -4.37 8.42
C MET A 103 25.82 -5.73 7.72
N ALA A 104 25.68 -5.73 6.40
CA ALA A 104 25.68 -6.98 5.64
C ALA A 104 27.14 -7.38 5.53
N GLN A 105 27.97 -6.42 5.11
CA GLN A 105 29.41 -6.63 4.95
C GLN A 105 29.96 -7.20 6.25
N ALA A 106 29.56 -6.58 7.35
CA ALA A 106 30.01 -7.00 8.68
C ALA A 106 29.63 -8.46 8.93
N ALA A 107 28.35 -8.70 9.22
CA ALA A 107 27.85 -10.04 9.47
C ALA A 107 28.45 -11.08 8.53
N GLY A 108 28.47 -10.76 7.25
CA GLY A 108 28.98 -11.69 6.26
C GLY A 108 27.80 -12.51 5.74
N SER A 109 26.61 -12.09 6.15
CA SER A 109 25.36 -12.73 5.75
C SER A 109 24.42 -11.60 5.39
N ASN A 110 23.12 -11.89 5.32
CA ASN A 110 22.16 -10.83 5.00
C ASN A 110 20.71 -11.19 5.25
N ARG A 111 19.89 -10.16 5.31
CA ARG A 111 18.47 -10.28 5.56
C ARG A 111 17.79 -11.55 5.03
N LYS A 112 18.04 -11.90 3.78
CA LYS A 112 17.43 -13.09 3.19
C LYS A 112 17.93 -14.37 3.85
N ALA A 113 19.12 -14.31 4.41
CA ALA A 113 19.71 -15.47 5.06
C ALA A 113 19.67 -15.22 6.56
N ILE A 114 18.58 -14.63 7.03
CA ILE A 114 18.44 -14.32 8.45
C ILE A 114 17.00 -14.46 9.00
N PRO A 115 16.79 -15.44 9.89
CA PRO A 115 15.50 -15.75 10.54
C PRO A 115 15.00 -14.63 11.46
N LEU A 116 13.70 -14.43 11.45
CA LEU A 116 13.04 -13.41 12.26
C LEU A 116 11.86 -14.00 13.04
N GLY A 117 11.36 -13.23 14.01
CA GLY A 117 10.26 -13.69 14.83
C GLY A 117 10.60 -13.45 16.29
N ALA A 118 9.81 -13.97 17.21
CA ALA A 118 10.08 -13.79 18.64
C ALA A 118 11.39 -14.50 18.97
N ALA A 119 11.46 -15.77 18.62
CA ALA A 119 12.66 -16.57 18.83
C ALA A 119 13.64 -16.09 17.77
N ALA A 120 14.18 -14.89 17.98
CA ALA A 120 15.12 -14.30 17.04
C ALA A 120 15.64 -13.01 17.66
N LEU A 121 14.74 -12.08 17.99
CA LEU A 121 15.17 -10.84 18.61
C LEU A 121 15.36 -11.12 20.09
N GLU A 122 14.94 -12.32 20.46
CA GLU A 122 15.06 -12.80 21.84
C GLU A 122 16.55 -12.91 22.11
N SER A 123 17.25 -13.53 21.18
CA SER A 123 18.68 -13.73 21.29
C SER A 123 19.37 -12.55 20.65
N GLY A 124 18.62 -11.78 19.88
CA GLY A 124 19.16 -10.60 19.22
C GLY A 124 19.62 -9.62 20.28
N ILE A 125 18.77 -9.44 21.28
CA ILE A 125 19.03 -8.54 22.41
C ILE A 125 20.18 -9.08 23.29
N ALA A 126 20.26 -10.40 23.42
CA ALA A 126 21.31 -11.01 24.22
C ALA A 126 22.69 -10.61 23.66
N SER A 127 22.91 -10.91 22.38
CA SER A 127 24.18 -10.57 21.74
C SER A 127 24.51 -9.11 22.02
N LEU A 128 23.48 -8.27 22.00
CA LEU A 128 23.67 -6.86 22.25
C LEU A 128 24.12 -6.61 23.69
N ASN A 129 23.29 -7.00 24.66
CA ASN A 129 23.65 -6.82 26.07
C ASN A 129 25.09 -7.31 26.24
N SER A 130 25.39 -8.48 25.69
CA SER A 130 26.74 -9.03 25.76
C SER A 130 27.61 -8.14 24.86
N LYS A 131 27.89 -8.55 23.62
CA LYS A 131 28.69 -7.67 22.76
C LYS A 131 28.86 -7.97 21.26
N ASN A 132 30.10 -8.35 20.88
CA ASN A 132 30.50 -8.60 19.49
C ASN A 132 29.54 -9.27 18.49
N PRO A 133 30.02 -9.77 17.32
CA PRO A 133 29.13 -10.38 16.33
C PRO A 133 27.64 -10.20 16.58
N LEU A 134 27.30 -8.92 16.71
CA LEU A 134 25.97 -8.40 16.96
C LEU A 134 25.45 -7.75 15.70
N ALA A 135 26.28 -7.78 14.66
CA ALA A 135 25.91 -7.21 13.37
C ALA A 135 24.59 -7.82 12.93
N ARG A 136 24.51 -9.14 12.97
CA ARG A 136 23.31 -9.86 12.56
C ARG A 136 22.13 -9.47 13.42
N THR A 137 22.35 -9.38 14.73
CA THR A 137 21.29 -9.01 15.65
C THR A 137 20.79 -7.59 15.35
N LEU A 138 21.43 -6.93 14.40
CA LEU A 138 21.01 -5.59 14.00
C LEU A 138 20.04 -5.77 12.83
N MET A 139 20.24 -6.86 12.09
CA MET A 139 19.39 -7.19 10.95
C MET A 139 18.04 -7.60 11.50
N VAL A 140 18.07 -8.53 12.45
CA VAL A 140 16.84 -9.04 13.07
C VAL A 140 16.37 -8.21 14.25
N ILE A 141 16.60 -6.90 14.17
CA ILE A 141 16.18 -5.95 15.19
C ILE A 141 15.71 -4.70 14.49
N ILE A 142 16.56 -4.13 13.64
CA ILE A 142 16.18 -2.93 12.89
C ILE A 142 14.99 -3.31 12.02
N GLN A 143 15.07 -4.49 11.43
CA GLN A 143 14.03 -5.00 10.56
C GLN A 143 12.76 -5.39 11.33
N MET A 144 12.95 -5.98 12.51
CA MET A 144 11.82 -6.40 13.34
C MET A 144 11.15 -5.25 14.07
N LEU A 145 11.88 -4.16 14.27
CA LEU A 145 11.34 -3.01 14.99
C LEU A 145 11.12 -1.76 14.17
N VAL A 146 12.12 -1.40 13.36
CA VAL A 146 12.05 -0.19 12.56
C VAL A 146 11.44 -0.36 11.17
N GLU A 147 11.89 -1.38 10.44
CA GLU A 147 11.38 -1.61 9.10
C GLU A 147 9.98 -2.19 9.08
N ALA A 148 9.36 -2.29 10.25
CA ALA A 148 8.01 -2.82 10.39
C ALA A 148 7.02 -1.70 10.69
N ALA A 149 7.55 -0.53 11.03
CA ALA A 149 6.71 0.62 11.33
C ALA A 149 6.42 1.40 10.05
N ARG A 150 7.32 1.30 9.07
CA ARG A 150 7.17 2.01 7.81
C ARG A 150 6.27 1.28 6.83
N PHE A 151 6.21 -0.04 6.98
CA PHE A 151 5.39 -0.88 6.12
C PHE A 151 4.52 -1.77 6.98
N ARG A 152 3.22 -1.66 6.79
CA ARG A 152 2.28 -2.49 7.53
C ARG A 152 2.52 -3.96 7.17
N TYR A 153 3.07 -4.19 5.97
CA TYR A 153 3.37 -5.51 5.45
C TYR A 153 4.47 -6.30 6.17
N ILE A 154 5.52 -5.61 6.60
CA ILE A 154 6.62 -6.28 7.31
C ILE A 154 6.20 -6.52 8.75
N GLN A 155 5.22 -5.75 9.21
CA GLN A 155 4.71 -5.90 10.56
C GLN A 155 3.84 -7.15 10.52
N ASN A 156 3.11 -7.34 9.43
CA ASN A 156 2.26 -8.51 9.29
C ASN A 156 3.08 -9.75 8.94
N ASN A 157 4.38 -9.57 8.78
CA ASN A 157 5.28 -10.67 8.47
C ASN A 157 5.87 -11.10 9.82
N VAL A 158 6.18 -10.11 10.63
CA VAL A 158 6.73 -10.30 11.96
C VAL A 158 5.56 -10.59 12.92
N ASP A 159 4.35 -10.41 12.42
CA ASP A 159 3.13 -10.64 13.18
C ASP A 159 2.52 -12.00 12.87
N VAL A 160 2.43 -12.31 11.58
CA VAL A 160 1.89 -13.59 11.15
C VAL A 160 2.86 -14.68 11.63
N SER A 161 4.06 -14.25 12.01
CA SER A 161 5.05 -15.19 12.52
C SER A 161 4.63 -15.57 13.94
N ILE A 162 4.60 -14.58 14.84
CA ILE A 162 4.19 -14.83 16.22
C ILE A 162 2.89 -15.63 16.16
N GLU A 163 2.12 -15.39 15.10
CA GLU A 163 0.85 -16.08 14.87
C GLU A 163 1.14 -17.57 14.68
N THR A 164 1.54 -17.95 13.47
CA THR A 164 1.83 -19.33 13.14
C THR A 164 2.83 -20.04 14.08
N GLN A 165 3.50 -19.26 14.94
CA GLN A 165 4.45 -19.82 15.90
C GLN A 165 5.69 -20.46 15.31
N SER A 166 6.17 -19.91 14.19
CA SER A 166 7.38 -20.43 13.54
C SER A 166 8.44 -19.33 13.42
N ALA A 167 9.45 -19.58 12.59
CA ALA A 167 10.51 -18.60 12.35
C ALA A 167 10.53 -18.40 10.83
N PHE A 168 11.24 -17.38 10.35
CA PHE A 168 11.27 -17.15 8.91
C PHE A 168 12.32 -16.13 8.50
N ALA A 169 12.64 -16.08 7.20
CA ALA A 169 13.64 -15.14 6.71
C ALA A 169 12.96 -14.09 5.82
N ALA A 170 13.66 -12.99 5.55
CA ALA A 170 13.12 -11.93 4.71
C ALA A 170 13.21 -12.27 3.24
N ASP A 171 12.05 -12.39 2.59
CA ASP A 171 11.99 -12.72 1.16
C ASP A 171 12.27 -11.51 0.29
N ALA A 172 12.03 -11.65 -1.01
CA ALA A 172 12.27 -10.55 -1.93
C ALA A 172 11.20 -9.48 -1.76
N ALA A 173 10.10 -9.85 -1.09
CA ALA A 173 9.00 -8.93 -0.87
C ALA A 173 9.36 -7.80 0.08
N MET A 174 9.92 -8.17 1.24
CA MET A 174 10.31 -7.19 2.25
C MET A 174 11.56 -6.45 1.84
N ILE A 175 12.49 -7.13 1.18
CA ILE A 175 13.72 -6.50 0.74
C ILE A 175 13.48 -5.36 -0.24
N SER A 176 12.70 -5.64 -1.30
CA SER A 176 12.40 -4.63 -2.31
C SER A 176 11.71 -3.45 -1.64
N LEU A 177 10.74 -3.75 -0.80
CA LEU A 177 10.00 -2.70 -0.09
C LEU A 177 10.97 -1.87 0.73
N GLU A 178 11.84 -2.57 1.45
CA GLU A 178 12.83 -1.95 2.33
C GLU A 178 13.81 -1.01 1.62
N ASN A 179 14.41 -1.48 0.54
CA ASN A 179 15.37 -0.67 -0.19
C ASN A 179 14.75 0.38 -1.12
N ASN A 180 13.43 0.31 -1.28
CA ASN A 180 12.71 1.26 -2.13
C ASN A 180 11.93 2.26 -1.29
N TRP A 181 12.35 2.44 -0.05
CA TRP A 181 11.65 3.35 0.85
C TRP A 181 11.98 4.80 0.54
N ALA A 182 13.17 5.03 -0.02
CA ALA A 182 13.60 6.38 -0.37
C ALA A 182 12.98 6.79 -1.72
N ASN A 183 12.93 5.85 -2.65
CA ASN A 183 12.37 6.12 -3.97
C ASN A 183 10.88 6.32 -3.83
N LEU A 184 10.19 5.31 -3.30
CA LEU A 184 8.75 5.37 -3.09
C LEU A 184 8.36 6.79 -2.71
N SER A 185 8.74 7.19 -1.49
CA SER A 185 8.46 8.53 -0.98
C SER A 185 8.70 9.61 -2.01
N ALA A 186 9.94 9.73 -2.44
CA ALA A 186 10.33 10.72 -3.44
C ALA A 186 9.34 10.66 -4.59
N LEU A 187 9.09 9.45 -5.08
CA LEU A 187 8.17 9.24 -6.17
C LEU A 187 6.73 9.56 -5.84
N VAL A 188 6.34 9.45 -4.56
CA VAL A 188 4.96 9.78 -4.19
C VAL A 188 4.78 11.25 -3.82
N GLN A 189 5.89 11.96 -3.63
CA GLN A 189 5.84 13.38 -3.28
C GLN A 189 6.15 14.18 -4.53
N GLY A 190 7.04 13.64 -5.35
CA GLY A 190 7.38 14.32 -6.59
C GLY A 190 6.23 14.12 -7.56
N SER A 191 5.39 13.12 -7.27
CA SER A 191 4.24 12.82 -8.14
C SER A 191 2.95 13.46 -7.65
N SER A 192 2.88 14.78 -7.74
CA SER A 192 1.70 15.52 -7.31
C SER A 192 1.11 16.21 -8.53
N GLY A 193 1.97 16.49 -9.51
CA GLY A 193 1.53 17.13 -10.73
C GLY A 193 0.98 16.10 -11.71
N GLY A 194 1.45 14.86 -11.56
CA GLY A 194 0.98 13.78 -12.41
C GLY A 194 -0.18 13.10 -11.71
N GLN A 195 -0.62 13.71 -10.62
CA GLN A 195 -1.73 13.23 -9.79
C GLN A 195 -1.89 11.73 -9.60
N GLY A 196 -0.96 11.12 -8.87
CA GLY A 196 -1.04 9.70 -8.61
C GLY A 196 -0.31 8.81 -9.60
N THR A 197 0.74 9.32 -10.21
CA THR A 197 1.51 8.53 -11.15
C THR A 197 2.97 8.94 -11.06
N PHE A 198 3.84 7.98 -10.72
CA PHE A 198 5.28 8.24 -10.57
C PHE A 198 5.87 8.53 -11.94
N ALA A 199 7.19 8.52 -12.05
CA ALA A 199 7.83 8.80 -13.34
C ALA A 199 8.53 7.56 -13.86
N SER A 200 8.68 6.56 -12.99
CA SER A 200 9.34 5.31 -13.36
C SER A 200 8.59 4.15 -12.70
N SER A 201 9.09 2.94 -12.90
CA SER A 201 8.46 1.76 -12.34
C SER A 201 9.29 1.13 -11.23
N ALA A 202 8.82 1.27 -9.99
CA ALA A 202 9.51 0.69 -8.84
C ALA A 202 9.08 -0.78 -8.77
N THR A 203 10.04 -1.69 -8.69
CA THR A 203 9.73 -3.11 -8.63
C THR A 203 9.74 -3.67 -7.23
N LEU A 204 8.60 -4.24 -6.84
CA LEU A 204 8.44 -4.86 -5.54
C LEU A 204 7.98 -6.27 -5.85
N GLN A 205 8.39 -7.23 -5.03
CA GLN A 205 8.01 -8.60 -5.26
C GLN A 205 6.86 -9.03 -4.34
N ASN A 206 5.98 -9.90 -4.84
CA ASN A 206 4.89 -10.39 -4.03
C ASN A 206 5.46 -11.54 -3.22
N ALA A 207 4.62 -12.17 -2.40
CA ALA A 207 5.07 -13.29 -1.58
C ALA A 207 5.47 -14.50 -2.43
N GLU A 208 4.92 -14.56 -3.65
CA GLU A 208 5.22 -15.67 -4.57
C GLU A 208 6.38 -15.32 -5.48
N ASP A 209 7.22 -14.39 -5.03
CA ASP A 209 8.38 -13.94 -5.78
C ASP A 209 8.07 -13.49 -7.21
N GLU A 210 6.91 -12.86 -7.37
CA GLU A 210 6.49 -12.35 -8.68
C GLU A 210 6.81 -10.85 -8.71
N PRO A 211 7.71 -10.43 -9.60
CA PRO A 211 8.09 -9.02 -9.72
C PRO A 211 6.89 -8.14 -10.09
N ILE A 212 6.73 -7.03 -9.38
CA ILE A 212 5.63 -6.10 -9.62
C ILE A 212 6.15 -4.72 -9.98
N ILE A 213 5.68 -4.16 -11.10
CA ILE A 213 6.13 -2.85 -11.52
C ILE A 213 5.13 -1.76 -11.16
N VAL A 214 5.22 -1.26 -9.94
CA VAL A 214 4.33 -0.22 -9.46
C VAL A 214 4.62 1.10 -10.15
N ASP A 215 3.57 1.66 -10.77
CA ASP A 215 3.65 2.90 -11.52
C ASP A 215 2.99 4.10 -10.83
N ALA A 216 1.98 3.83 -10.03
CA ALA A 216 1.23 4.86 -9.33
C ALA A 216 1.01 4.51 -7.87
N VAL A 217 0.23 5.35 -7.19
CA VAL A 217 -0.07 5.14 -5.79
C VAL A 217 -1.40 4.40 -5.66
N TYR A 218 -2.10 4.28 -6.78
CA TYR A 218 -3.40 3.61 -6.81
C TYR A 218 -3.31 2.10 -6.71
N HIS A 219 -2.25 1.62 -6.07
CA HIS A 219 -2.07 0.19 -5.90
C HIS A 219 -2.10 -0.09 -4.41
N PRO A 220 -2.71 -1.22 -3.99
CA PRO A 220 -2.80 -1.58 -2.57
C PRO A 220 -1.44 -1.71 -1.91
N THR A 221 -0.48 -2.18 -2.70
CA THR A 221 0.89 -2.37 -2.23
C THR A 221 1.52 -1.04 -1.81
N VAL A 222 0.77 0.05 -1.96
CA VAL A 222 1.29 1.36 -1.61
C VAL A 222 0.47 2.07 -0.53
N ALA A 223 -0.81 2.27 -0.80
CA ALA A 223 -1.70 2.97 0.14
C ALA A 223 -1.96 2.20 1.42
N ALA A 224 -2.02 0.89 1.33
CA ALA A 224 -2.29 0.04 2.48
C ALA A 224 -1.03 -0.35 3.23
N VAL A 225 0.07 -0.55 2.50
CA VAL A 225 1.34 -0.95 3.10
C VAL A 225 2.16 0.18 3.75
N LEU A 226 2.54 1.20 2.98
CA LEU A 226 3.32 2.30 3.53
C LEU A 226 2.62 2.86 4.75
N ALA A 227 3.34 2.94 5.87
CA ALA A 227 2.78 3.47 7.11
C ALA A 227 3.47 4.78 7.54
N LEU A 228 4.74 4.92 7.17
CA LEU A 228 5.53 6.11 7.49
C LEU A 228 6.34 6.41 6.24
N MET A 229 6.28 7.64 5.77
CA MET A 229 7.01 8.02 4.57
C MET A 229 8.12 9.04 4.84
N LEU A 230 9.26 8.84 4.19
CA LEU A 230 10.43 9.71 4.32
C LEU A 230 10.09 11.04 3.67
N ARG A 231 10.58 12.15 4.23
CA ARG A 231 10.26 13.45 3.65
C ARG A 231 11.23 13.99 2.60
N LYS A 232 10.84 13.83 1.34
CA LYS A 232 11.59 14.30 0.17
C LYS A 232 10.51 14.85 -0.77
N ALA A 233 10.82 15.88 -1.55
CA ALA A 233 9.81 16.46 -2.43
C ALA A 233 10.20 16.70 -3.89
N CYS A 234 9.36 17.47 -4.56
CA CYS A 234 9.50 17.87 -5.96
C CYS A 234 8.15 18.39 -6.45
N CYS B 1 6.79 15.66 -11.39
CA CYS B 1 7.05 17.09 -11.05
C CYS B 1 6.54 18.01 -12.16
N ALA B 2 5.91 17.42 -13.18
CA ALA B 2 5.37 18.18 -14.31
C ALA B 2 4.49 17.33 -15.23
N ALA B 3 4.98 16.16 -15.61
CA ALA B 3 4.24 15.29 -16.50
C ALA B 3 4.76 13.85 -16.47
N ALA B 4 3.84 12.93 -16.18
CA ALA B 4 4.14 11.49 -16.11
C ALA B 4 3.19 10.72 -17.04
N THR B 5 3.63 9.55 -17.52
CA THR B 5 2.83 8.73 -18.44
C THR B 5 2.64 7.29 -17.98
N VAL B 6 1.38 6.88 -17.82
CA VAL B 6 1.06 5.51 -17.37
C VAL B 6 0.00 4.89 -18.28
N ARG B 7 -0.87 4.08 -17.69
CA ARG B 7 -1.93 3.42 -18.44
C ARG B 7 -3.23 3.55 -17.64
N ILE B 8 -4.37 3.24 -18.26
CA ILE B 8 -5.66 3.32 -17.59
C ILE B 8 -6.47 2.06 -17.87
N ALA B 9 -6.58 1.20 -16.85
CA ALA B 9 -7.32 -0.06 -16.94
C ALA B 9 -8.69 0.12 -16.34
N GLY B 10 -9.53 -0.91 -16.43
CA GLY B 10 -10.87 -0.82 -15.87
C GLY B 10 -11.65 -2.11 -15.92
N ARG B 11 -12.91 -2.01 -16.32
CA ARG B 11 -13.82 -3.15 -16.41
C ARG B 11 -13.18 -4.47 -16.83
N ASP B 12 -13.22 -5.44 -15.93
CA ASP B 12 -12.66 -6.75 -16.21
C ASP B 12 -11.26 -6.70 -16.84
N GLY B 13 -10.41 -5.84 -16.31
CA GLY B 13 -9.04 -5.72 -16.79
C GLY B 13 -8.85 -5.27 -18.23
N PHE B 14 -9.85 -4.61 -18.78
CA PHE B 14 -9.77 -4.12 -20.15
C PHE B 14 -9.17 -2.74 -20.06
N CYS B 15 -8.37 -2.37 -21.04
CA CYS B 15 -7.74 -1.05 -21.06
C CYS B 15 -8.56 0.02 -21.77
N ALA B 16 -8.30 1.28 -21.42
CA ALA B 16 -8.97 2.42 -22.02
C ALA B 16 -8.22 2.72 -23.31
N ASP B 17 -8.90 2.63 -24.44
CA ASP B 17 -8.25 2.86 -25.73
C ASP B 17 -8.88 3.93 -26.61
N VAL B 18 -8.12 4.38 -27.61
CA VAL B 18 -8.58 5.38 -28.56
C VAL B 18 -8.82 4.67 -29.89
N ASN B 19 -10.09 4.58 -30.30
CA ASN B 19 -10.49 3.93 -31.56
C ASN B 19 -9.40 4.01 -32.64
N GLY B 20 -8.56 2.98 -32.74
CA GLY B 20 -7.49 2.96 -33.72
C GLY B 20 -6.41 3.99 -33.47
N GLU B 21 -6.64 5.21 -33.94
CA GLU B 21 -5.70 6.31 -33.76
C GLU B 21 -6.45 7.62 -34.02
N GLY B 22 -6.73 7.90 -35.28
CA GLY B 22 -7.46 9.11 -35.63
C GLY B 22 -6.99 10.35 -34.90
N GLN B 23 -7.82 11.39 -34.92
CA GLN B 23 -7.51 12.66 -34.26
C GLN B 23 -8.75 13.56 -34.26
N ASN B 24 -9.07 14.12 -33.10
CA ASN B 24 -10.21 15.01 -32.94
C ASN B 24 -11.53 14.27 -33.10
N GLY B 25 -12.25 14.10 -31.98
CA GLY B 25 -13.53 13.42 -32.04
C GLY B 25 -13.51 11.90 -32.05
N ALA B 26 -12.34 11.29 -31.89
CA ALA B 26 -12.26 9.82 -31.87
C ALA B 26 -12.68 9.31 -30.49
N ALA B 27 -13.73 8.50 -30.45
CA ALA B 27 -14.23 7.97 -29.18
C ALA B 27 -13.24 7.03 -28.49
N ILE B 28 -13.44 6.82 -27.20
CA ILE B 28 -12.58 5.93 -26.41
C ILE B 28 -13.32 4.61 -26.25
N ILE B 29 -12.59 3.51 -26.38
CA ILE B 29 -13.21 2.19 -26.24
C ILE B 29 -12.47 1.37 -25.20
N LEU B 30 -13.01 0.18 -24.90
CA LEU B 30 -12.39 -0.72 -23.94
C LEU B 30 -11.63 -1.78 -24.73
N LYS B 31 -10.32 -1.63 -24.80
CA LYS B 31 -9.50 -2.58 -25.55
C LYS B 31 -8.56 -3.37 -24.66
N LYS B 32 -8.31 -4.62 -25.03
CA LYS B 32 -7.41 -5.47 -24.27
C LYS B 32 -6.12 -4.70 -24.02
N CYS B 33 -5.57 -4.85 -22.82
CA CYS B 33 -4.33 -4.16 -22.44
C CYS B 33 -3.09 -4.60 -23.18
N ALA B 34 -2.42 -3.62 -23.78
CA ALA B 34 -1.18 -3.87 -24.53
C ALA B 34 -0.31 -2.64 -24.40
N GLU B 35 0.94 -2.75 -24.81
CA GLU B 35 1.83 -1.60 -24.72
C GLU B 35 1.72 -0.79 -26.02
N ASN B 36 0.52 -0.30 -26.30
CA ASN B 36 0.25 0.50 -27.50
C ASN B 36 0.33 1.97 -27.17
N ASP B 37 0.74 2.74 -28.18
CA ASP B 37 0.88 4.19 -28.06
C ASP B 37 -0.46 4.86 -27.84
N ASN B 38 -1.51 4.26 -28.40
CA ASN B 38 -2.88 4.77 -28.27
C ASN B 38 -3.52 4.19 -27.02
N GLN B 39 -2.70 3.53 -26.20
CA GLN B 39 -3.14 2.92 -24.96
C GLN B 39 -2.58 3.70 -23.77
N LEU B 40 -1.53 4.48 -24.03
CA LEU B 40 -0.86 5.28 -23.00
C LEU B 40 -1.41 6.70 -22.80
N TRP B 41 -1.70 7.05 -21.55
CA TRP B 41 -2.22 8.38 -21.23
C TRP B 41 -1.26 9.21 -20.39
N THR B 42 -1.00 10.43 -20.84
CA THR B 42 -0.09 11.35 -20.15
C THR B 42 -0.81 12.24 -19.14
N LEU B 43 -0.64 11.92 -17.86
CA LEU B 43 -1.24 12.69 -16.79
C LEU B 43 -0.35 13.93 -16.61
N LYS B 44 -0.95 15.11 -16.78
CA LYS B 44 -0.23 16.37 -16.70
C LYS B 44 -0.51 17.22 -15.45
N ARG B 45 0.28 18.28 -15.29
CA ARG B 45 0.15 19.19 -14.15
C ARG B 45 -1.09 20.08 -14.10
N GLU B 46 -1.73 20.30 -15.24
CA GLU B 46 -2.93 21.14 -15.24
C GLU B 46 -4.20 20.29 -15.23
N ALA B 47 -4.03 19.00 -14.95
CA ALA B 47 -5.13 18.04 -14.85
C ALA B 47 -5.73 17.54 -16.16
N THR B 48 -5.06 17.84 -17.28
CA THR B 48 -5.56 17.42 -18.58
C THR B 48 -4.98 16.09 -19.03
N ILE B 49 -5.81 15.06 -19.04
CA ILE B 49 -5.38 13.73 -19.48
C ILE B 49 -5.27 13.80 -21.02
N ARG B 50 -4.04 13.69 -21.52
CA ARG B 50 -3.77 13.74 -22.96
C ARG B 50 -3.26 12.40 -23.45
N SER B 51 -3.43 12.11 -24.73
CA SER B 51 -2.95 10.85 -25.30
C SER B 51 -2.08 11.05 -26.54
N ASN B 52 -2.69 10.95 -27.72
CA ASN B 52 -1.98 11.10 -28.99
C ASN B 52 -1.82 12.58 -29.34
N GLY B 53 -1.45 13.39 -28.35
CA GLY B 53 -1.29 14.81 -28.58
C GLY B 53 -2.54 15.57 -28.18
N GLY B 54 -3.70 14.92 -28.26
CA GLY B 54 -4.93 15.55 -27.88
C GLY B 54 -5.31 15.26 -26.44
N CYS B 55 -6.21 16.09 -25.90
CA CYS B 55 -6.69 15.95 -24.53
C CYS B 55 -7.94 15.07 -24.53
N LEU B 56 -8.33 14.60 -23.36
CA LEU B 56 -9.53 13.77 -23.23
C LEU B 56 -10.69 14.71 -22.93
N THR B 57 -11.56 14.89 -23.91
CA THR B 57 -12.70 15.78 -23.73
C THR B 57 -14.03 15.05 -23.59
N THR B 58 -15.00 15.72 -22.98
CA THR B 58 -16.33 15.17 -22.82
C THR B 58 -17.17 15.79 -23.92
N ALA B 59 -17.68 14.94 -24.80
CA ALA B 59 -18.50 15.43 -25.90
C ALA B 59 -19.97 15.30 -25.52
N ALA B 60 -20.84 15.81 -26.38
CA ALA B 60 -22.27 15.73 -26.13
C ALA B 60 -23.05 15.84 -27.44
N ALA B 61 -23.03 14.76 -28.23
CA ALA B 61 -23.77 14.74 -29.49
C ALA B 61 -25.24 14.76 -29.08
N GLU B 62 -25.42 14.80 -27.77
CA GLU B 62 -26.72 14.82 -27.09
C GLU B 62 -26.32 14.33 -25.71
N GLN B 63 -25.87 13.07 -25.67
CA GLN B 63 -25.44 12.42 -24.45
C GLN B 63 -24.08 12.97 -24.04
N ALA B 64 -23.26 12.11 -23.46
CA ALA B 64 -21.92 12.48 -23.03
C ALA B 64 -21.00 11.29 -23.14
N LYS B 65 -19.96 11.41 -23.97
CA LYS B 65 -19.01 10.32 -24.19
C LYS B 65 -17.57 10.81 -24.21
N ALA B 66 -16.67 10.06 -23.61
CA ALA B 66 -15.27 10.44 -23.61
C ALA B 66 -14.82 10.56 -25.08
N GLY B 67 -13.78 11.36 -25.33
CA GLY B 67 -13.26 11.52 -26.68
C GLY B 67 -12.01 12.39 -26.72
N ILE B 68 -11.21 12.29 -27.77
CA ILE B 68 -10.01 13.12 -27.87
C ILE B 68 -10.33 14.42 -28.62
N TYR B 69 -9.50 15.44 -28.39
CA TYR B 69 -9.71 16.74 -29.04
C TYR B 69 -8.52 17.68 -28.82
N ASP B 70 -8.33 18.62 -29.74
CA ASP B 70 -7.24 19.59 -29.63
C ASP B 70 -7.38 20.30 -28.30
N CYS B 71 -6.30 20.30 -27.52
CA CYS B 71 -6.34 20.94 -26.21
C CYS B 71 -6.55 22.45 -26.31
N THR B 72 -6.35 23.00 -27.51
CA THR B 72 -6.52 24.43 -27.74
C THR B 72 -7.89 24.78 -28.29
N GLN B 73 -8.53 23.81 -28.94
CA GLN B 73 -9.83 24.03 -29.52
C GLN B 73 -10.96 23.65 -28.56
N ALA B 74 -10.58 23.09 -27.41
CA ALA B 74 -11.54 22.66 -26.41
C ALA B 74 -11.60 23.62 -25.21
N THR B 75 -12.79 23.73 -24.61
CA THR B 75 -12.98 24.60 -23.45
C THR B 75 -12.48 23.93 -22.19
N ALA B 76 -11.63 24.64 -21.46
CA ALA B 76 -11.03 24.16 -20.22
C ALA B 76 -11.88 23.14 -19.49
N GLU B 77 -13.06 23.57 -19.04
CA GLU B 77 -13.98 22.71 -18.29
C GLU B 77 -14.09 21.30 -18.86
N LEU B 78 -13.98 21.20 -20.17
CA LEU B 78 -14.09 19.91 -20.85
C LEU B 78 -12.79 19.13 -20.93
N SER B 79 -11.68 19.76 -20.54
CA SER B 79 -10.37 19.10 -20.59
C SER B 79 -9.76 18.73 -19.24
N ALA B 80 -10.33 19.23 -18.14
CA ALA B 80 -9.81 18.94 -16.80
C ALA B 80 -10.52 17.77 -16.12
N TRP B 81 -9.75 16.71 -15.83
CA TRP B 81 -10.25 15.49 -15.19
C TRP B 81 -9.70 15.32 -13.78
N GLU B 82 -10.39 14.53 -12.95
CA GLU B 82 -9.95 14.31 -11.56
C GLU B 82 -10.07 12.85 -11.10
N ILE B 83 -8.91 12.25 -10.83
CA ILE B 83 -8.81 10.86 -10.38
C ILE B 83 -8.65 10.76 -8.86
N ALA B 84 -9.47 9.92 -8.24
CA ALA B 84 -9.45 9.72 -6.79
C ALA B 84 -9.19 8.27 -6.41
N ASP B 85 -8.74 8.05 -5.17
CA ASP B 85 -8.44 6.72 -4.67
C ASP B 85 -9.64 5.76 -4.73
N ASN B 86 -10.85 6.32 -4.67
CA ASN B 86 -12.07 5.50 -4.73
C ASN B 86 -12.08 4.74 -6.05
N GLY B 87 -11.27 5.21 -7.00
CA GLY B 87 -11.17 4.57 -8.30
C GLY B 87 -11.93 5.33 -9.36
N THR B 88 -12.45 6.49 -9.00
CA THR B 88 -13.24 7.32 -9.91
C THR B 88 -12.38 8.28 -10.74
N ILE B 89 -12.84 8.60 -11.93
CA ILE B 89 -12.16 9.55 -12.82
C ILE B 89 -13.25 10.52 -13.30
N ILE B 90 -13.39 11.64 -12.58
CA ILE B 90 -14.42 12.64 -12.87
C ILE B 90 -13.98 13.92 -13.59
N ASN B 91 -14.97 14.61 -14.16
CA ASN B 91 -14.78 15.86 -14.86
C ASN B 91 -15.56 16.89 -14.01
N PRO B 92 -14.89 17.49 -13.02
CA PRO B 92 -15.42 18.49 -12.09
C PRO B 92 -16.47 19.46 -12.63
N ALA B 93 -16.24 20.00 -13.83
CA ALA B 93 -17.16 20.95 -14.41
C ALA B 93 -18.52 20.34 -14.72
N SER B 94 -18.52 19.19 -15.38
CA SER B 94 -19.76 18.51 -15.72
C SER B 94 -20.33 17.77 -14.51
N SER B 95 -19.44 17.17 -13.73
CA SER B 95 -19.80 16.38 -12.55
C SER B 95 -20.07 14.96 -13.00
N LEU B 96 -19.75 14.69 -14.27
CA LEU B 96 -19.92 13.38 -14.85
C LEU B 96 -18.62 12.58 -14.73
N VAL B 97 -18.74 11.27 -14.58
CA VAL B 97 -17.58 10.41 -14.42
C VAL B 97 -17.42 9.42 -15.58
N LEU B 98 -16.19 8.93 -15.78
CA LEU B 98 -15.89 7.96 -16.83
C LEU B 98 -16.59 6.64 -16.49
N SER B 99 -17.35 6.10 -17.44
CA SER B 99 -18.05 4.85 -17.20
C SER B 99 -18.03 3.93 -18.42
N SER B 100 -18.20 2.63 -18.17
CA SER B 100 -18.20 1.62 -19.23
C SER B 100 -19.49 0.80 -19.21
N GLY B 101 -20.47 1.21 -20.00
CA GLY B 101 -21.73 0.50 -20.07
C GLY B 101 -21.59 -1.00 -19.93
N ALA B 102 -20.93 -1.64 -20.89
CA ALA B 102 -20.74 -3.09 -20.86
C ALA B 102 -19.27 -3.52 -20.85
N ALA B 103 -18.99 -4.65 -20.21
CA ALA B 103 -17.64 -5.19 -20.13
C ALA B 103 -17.38 -5.98 -21.40
N ASN B 104 -17.20 -5.25 -22.51
CA ASN B 104 -16.95 -5.88 -23.80
C ASN B 104 -15.84 -5.14 -24.52
N SER B 105 -15.03 -5.90 -25.27
CA SER B 105 -13.92 -5.31 -26.02
C SER B 105 -14.44 -4.38 -27.11
N LEU B 106 -13.65 -3.35 -27.43
CA LEU B 106 -13.99 -2.39 -28.47
C LEU B 106 -15.30 -1.66 -28.19
N LEU B 107 -15.85 -1.88 -27.01
CA LEU B 107 -17.09 -1.24 -26.60
C LEU B 107 -16.81 0.23 -26.30
N ASP B 108 -17.62 1.10 -26.90
CA ASP B 108 -17.46 2.53 -26.70
C ASP B 108 -17.52 2.87 -25.21
N LEU B 109 -16.67 3.80 -24.79
CA LEU B 109 -16.65 4.23 -23.40
C LEU B 109 -17.56 5.45 -23.28
N GLY B 110 -18.41 5.46 -22.26
CA GLY B 110 -19.31 6.58 -22.08
C GLY B 110 -19.10 7.26 -20.75
N VAL B 111 -19.55 8.51 -20.65
CA VAL B 111 -19.43 9.28 -19.43
C VAL B 111 -20.82 9.50 -18.84
N GLN B 112 -20.97 9.21 -17.55
CA GLN B 112 -22.26 9.34 -16.88
C GLN B 112 -22.13 10.02 -15.52
N THR B 113 -23.10 9.73 -14.65
CA THR B 113 -23.14 10.29 -13.30
C THR B 113 -22.49 9.35 -12.30
N ASN B 114 -22.14 9.88 -11.13
CA ASN B 114 -21.49 9.10 -10.10
C ASN B 114 -22.39 8.15 -9.32
N SER B 115 -22.51 6.92 -9.81
CA SER B 115 -23.31 5.90 -9.16
C SER B 115 -22.39 5.14 -8.20
N TYR B 116 -21.09 5.36 -8.37
CA TYR B 116 -20.05 4.71 -7.57
C TYR B 116 -19.99 3.22 -7.93
N ALA B 117 -20.47 2.92 -9.14
CA ALA B 117 -20.52 1.56 -9.67
C ALA B 117 -19.15 1.01 -9.96
N SER B 118 -19.12 -0.28 -10.28
CA SER B 118 -17.90 -0.97 -10.61
C SER B 118 -17.66 -0.78 -12.11
N ALA B 119 -18.71 -0.33 -12.78
CA ALA B 119 -18.64 -0.08 -14.22
C ALA B 119 -17.99 1.28 -14.43
N GLN B 120 -17.78 1.99 -13.33
CA GLN B 120 -17.14 3.31 -13.36
C GLN B 120 -15.86 3.37 -12.55
N GLY B 121 -15.31 2.19 -12.22
CA GLY B 121 -14.08 2.12 -11.45
C GLY B 121 -12.86 1.91 -12.33
N TRP B 122 -11.82 2.71 -12.10
CA TRP B 122 -10.61 2.60 -12.90
C TRP B 122 -9.38 2.47 -12.03
N ARG B 123 -8.22 2.42 -12.68
CA ARG B 123 -6.95 2.30 -11.99
C ARG B 123 -5.79 2.74 -12.86
N THR B 124 -5.32 3.96 -12.63
CA THR B 124 -4.19 4.46 -13.39
C THR B 124 -2.92 3.84 -12.83
N GLY B 125 -2.14 3.23 -13.72
CA GLY B 125 -0.90 2.60 -13.33
C GLY B 125 -0.47 1.68 -14.44
N ASN B 126 0.83 1.52 -14.64
CA ASN B 126 1.30 0.64 -15.70
C ASN B 126 0.87 -0.80 -15.43
N GLU B 127 1.04 -1.28 -14.19
CA GLU B 127 0.63 -2.63 -13.84
C GLU B 127 -0.88 -2.63 -13.96
N THR B 128 -1.40 -3.51 -14.80
CA THR B 128 -2.84 -3.59 -15.04
C THR B 128 -3.47 -4.92 -14.69
N SER B 129 -2.67 -5.98 -14.68
CA SER B 129 -3.17 -7.31 -14.35
C SER B 129 -3.84 -7.31 -12.99
N ALA B 130 -4.50 -8.41 -12.65
CA ALA B 130 -5.17 -8.53 -11.37
C ALA B 130 -4.18 -8.88 -10.26
N SER B 131 -4.22 -8.13 -9.18
CA SER B 131 -3.33 -8.36 -8.04
C SER B 131 -3.92 -9.45 -7.17
N VAL B 132 -3.30 -10.62 -7.18
CA VAL B 132 -3.76 -11.76 -6.37
C VAL B 132 -3.11 -11.65 -5.00
N THR B 133 -3.91 -11.37 -3.97
CA THR B 133 -3.37 -11.25 -2.63
C THR B 133 -4.13 -12.10 -1.63
N GLN B 134 -3.72 -11.98 -0.37
CA GLN B 134 -4.33 -12.69 0.74
C GLN B 134 -4.84 -11.61 1.68
N ILE B 135 -6.14 -11.56 1.87
CA ILE B 135 -6.75 -10.56 2.75
C ILE B 135 -6.85 -11.09 4.18
N SER B 136 -6.14 -10.44 5.09
CA SER B 136 -6.15 -10.84 6.50
C SER B 136 -7.03 -9.85 7.27
N GLY B 137 -7.71 -10.32 8.31
CA GLY B 137 -8.58 -9.45 9.07
C GLY B 137 -8.44 -9.55 10.58
N SER B 138 -9.59 -9.70 11.24
CA SER B 138 -9.68 -9.79 12.69
C SER B 138 -9.08 -11.05 13.32
N ALA B 139 -8.24 -10.84 14.34
CA ALA B 139 -7.59 -11.93 15.05
C ALA B 139 -6.73 -12.81 14.17
N GLN B 140 -6.08 -12.20 13.18
CA GLN B 140 -5.21 -12.91 12.25
C GLN B 140 -5.90 -14.06 11.51
N LEU B 141 -7.18 -13.87 11.21
CA LEU B 141 -7.96 -14.84 10.47
C LEU B 141 -8.00 -14.36 9.02
N CYS B 142 -7.94 -15.30 8.08
CA CYS B 142 -7.96 -14.97 6.66
C CYS B 142 -9.36 -15.00 6.09
N MET B 143 -9.52 -14.42 4.90
CA MET B 143 -10.82 -14.40 4.27
C MET B 143 -10.91 -15.55 3.28
N GLN B 144 -11.85 -16.46 3.54
CA GLN B 144 -12.09 -17.62 2.70
C GLN B 144 -13.48 -17.54 2.11
N ALA B 145 -13.80 -18.48 1.23
CA ALA B 145 -15.10 -18.51 0.57
C ALA B 145 -15.99 -19.62 1.12
N GLY B 146 -16.71 -19.35 2.20
CA GLY B 146 -17.60 -20.34 2.79
C GLY B 146 -18.38 -21.08 1.72
N ASN B 147 -18.73 -22.33 2.01
CA ASN B 147 -19.47 -23.19 1.08
C ASN B 147 -19.00 -23.00 -0.36
N GLY B 148 -19.84 -23.37 -1.32
CA GLY B 148 -19.47 -23.19 -2.71
C GLY B 148 -19.43 -21.69 -2.92
N PRO B 149 -18.29 -21.12 -3.35
CA PRO B 149 -18.12 -19.68 -3.57
C PRO B 149 -19.43 -18.90 -3.73
N ALA B 150 -20.16 -18.77 -2.62
CA ALA B 150 -21.44 -18.08 -2.61
C ALA B 150 -21.64 -17.38 -1.27
N ASN B 151 -20.73 -17.67 -0.34
CA ASN B 151 -20.75 -17.06 0.98
C ASN B 151 -19.33 -17.06 1.48
N LEU B 152 -18.99 -16.10 2.33
CA LEU B 152 -17.64 -16.01 2.85
C LEU B 152 -17.53 -15.42 4.24
N TRP B 153 -16.91 -16.16 5.13
CA TRP B 153 -16.67 -15.71 6.50
C TRP B 153 -15.17 -15.84 6.65
N MET B 154 -14.68 -15.87 7.88
CA MET B 154 -13.24 -15.99 8.07
C MET B 154 -12.83 -17.34 8.64
N SER B 155 -11.60 -17.73 8.33
CA SER B 155 -11.05 -19.00 8.81
C SER B 155 -9.54 -18.85 8.94
N GLU B 156 -8.93 -19.78 9.67
CA GLU B 156 -7.49 -19.77 9.86
C GLU B 156 -6.81 -19.81 8.51
N CYS B 157 -5.63 -19.23 8.42
CA CYS B 157 -4.90 -19.23 7.16
C CYS B 157 -4.10 -20.52 7.06
N ARG B 158 -4.12 -21.13 5.88
CA ARG B 158 -3.38 -22.37 5.65
C ARG B 158 -2.01 -22.00 5.07
N ALA B 159 -1.97 -20.87 4.38
CA ALA B 159 -0.76 -20.35 3.75
C ALA B 159 -0.42 -21.00 2.41
N GLY B 160 -1.45 -21.40 1.68
CA GLY B 160 -1.22 -22.03 0.39
C GLY B 160 -2.47 -22.53 -0.30
N LYS B 161 -3.64 -22.32 0.32
CA LYS B 161 -4.91 -22.76 -0.23
C LYS B 161 -5.61 -21.64 -0.98
N ALA B 162 -5.97 -21.91 -2.24
CA ALA B 162 -6.62 -20.91 -3.09
C ALA B 162 -8.01 -20.48 -2.64
N GLU B 163 -8.51 -21.06 -1.55
CA GLU B 163 -9.85 -20.68 -1.07
C GLU B 163 -9.79 -19.32 -0.39
N GLN B 164 -8.61 -18.99 0.13
CA GLN B 164 -8.41 -17.73 0.83
C GLN B 164 -7.66 -16.71 -0.02
N GLN B 165 -7.43 -17.05 -1.28
CA GLN B 165 -6.75 -16.17 -2.20
C GLN B 165 -7.80 -15.34 -2.94
N TRP B 166 -7.48 -14.09 -3.26
CA TRP B 166 -8.41 -13.21 -3.95
C TRP B 166 -7.71 -12.38 -5.02
N ALA B 167 -8.43 -12.05 -6.08
CA ALA B 167 -7.86 -11.26 -7.17
C ALA B 167 -8.43 -9.85 -7.15
N LEU B 168 -7.54 -8.86 -7.24
CA LEU B 168 -7.94 -7.47 -7.22
C LEU B 168 -7.84 -6.89 -8.63
N LEU B 169 -8.99 -6.68 -9.26
CA LEU B 169 -9.03 -6.12 -10.60
C LEU B 169 -9.04 -4.60 -10.56
N THR B 170 -8.59 -4.01 -11.66
CA THR B 170 -8.52 -2.57 -11.83
C THR B 170 -9.85 -1.82 -11.74
N ASP B 171 -10.95 -2.56 -11.67
CA ASP B 171 -12.28 -1.94 -11.56
C ASP B 171 -12.71 -1.93 -10.10
N LYS B 172 -11.73 -2.07 -9.20
CA LYS B 172 -11.98 -2.07 -7.77
C LYS B 172 -13.03 -3.11 -7.39
N SER B 173 -12.75 -4.35 -7.73
CA SER B 173 -13.64 -5.45 -7.43
C SER B 173 -12.83 -6.62 -6.91
N ILE B 174 -13.30 -7.18 -5.80
CA ILE B 174 -12.65 -8.31 -5.16
C ILE B 174 -13.28 -9.57 -5.76
N ARG B 175 -12.49 -10.34 -6.50
CA ARG B 175 -12.97 -11.56 -7.12
C ARG B 175 -12.16 -12.74 -6.66
N SER B 176 -12.69 -13.93 -6.92
CA SER B 176 -12.03 -15.18 -6.55
C SER B 176 -10.91 -15.48 -7.54
N GLU B 177 -9.94 -16.28 -7.12
CA GLU B 177 -8.81 -16.62 -7.97
C GLU B 177 -9.10 -17.81 -8.88
N THR B 178 -9.87 -18.77 -8.39
CA THR B 178 -10.16 -19.95 -9.20
C THR B 178 -11.50 -19.80 -9.90
N ASN B 179 -11.99 -18.56 -9.95
CA ASN B 179 -13.26 -18.23 -10.60
C ASN B 179 -13.45 -16.72 -10.58
N SER B 180 -12.73 -16.05 -11.48
CA SER B 180 -12.78 -14.59 -11.60
C SER B 180 -14.10 -14.09 -12.17
N ASP B 181 -15.13 -14.92 -12.11
CA ASP B 181 -16.45 -14.54 -12.62
C ASP B 181 -17.31 -13.94 -11.52
N ASN B 182 -17.36 -14.59 -10.37
CA ASN B 182 -18.15 -14.06 -9.27
C ASN B 182 -17.24 -13.22 -8.39
N CYS B 183 -17.84 -12.25 -7.71
CA CYS B 183 -17.06 -11.38 -6.85
C CYS B 183 -17.84 -10.77 -5.68
N LEU B 184 -17.08 -10.31 -4.69
CA LEU B 184 -17.60 -9.69 -3.49
C LEU B 184 -18.77 -8.78 -3.78
N THR B 185 -19.88 -9.05 -3.11
CA THR B 185 -21.10 -8.27 -3.27
C THR B 185 -21.52 -7.74 -1.91
N SER B 186 -22.52 -6.86 -1.90
CA SER B 186 -23.01 -6.29 -0.66
C SER B 186 -24.37 -6.87 -0.33
N ALA B 187 -25.39 -6.02 -0.40
CA ALA B 187 -26.78 -6.42 -0.12
C ALA B 187 -27.57 -5.16 0.19
N ALA B 188 -28.68 -5.34 0.89
CA ALA B 188 -29.52 -4.21 1.30
C ALA B 188 -28.95 -3.78 2.65
N ASP B 189 -27.70 -3.30 2.61
CA ASP B 189 -26.97 -2.85 3.80
C ASP B 189 -27.82 -2.28 4.92
N ALA B 190 -28.90 -1.59 4.56
CA ALA B 190 -29.80 -1.00 5.56
C ALA B 190 -30.30 -2.10 6.47
N GLY B 191 -29.46 -2.48 7.43
CA GLY B 191 -29.81 -3.54 8.36
C GLY B 191 -28.93 -4.77 8.15
N PRO B 192 -27.74 -4.80 8.80
CA PRO B 192 -26.75 -5.87 8.73
C PRO B 192 -27.27 -7.26 8.35
N LYS B 193 -27.26 -7.55 7.06
CA LYS B 193 -27.72 -8.84 6.54
C LYS B 193 -26.51 -9.74 6.34
N THR B 194 -25.72 -9.47 5.30
CA THR B 194 -24.53 -10.25 5.00
C THR B 194 -23.93 -10.05 3.61
N ILE B 195 -22.60 -10.16 3.55
CA ILE B 195 -21.86 -10.01 2.31
C ILE B 195 -21.44 -11.39 1.84
N LEU B 196 -21.54 -11.62 0.53
CA LEU B 196 -21.17 -12.91 -0.04
C LEU B 196 -20.65 -12.77 -1.45
N LEU B 197 -20.86 -13.79 -2.26
CA LEU B 197 -20.38 -13.77 -3.64
C LEU B 197 -21.43 -14.15 -4.68
N ALA B 198 -21.65 -13.24 -5.62
CA ALA B 198 -22.59 -13.43 -6.72
C ALA B 198 -21.79 -13.10 -7.98
N LEU B 199 -22.39 -13.27 -9.15
CA LEU B 199 -21.68 -12.97 -10.38
C LEU B 199 -21.54 -11.46 -10.51
N CYS B 200 -20.39 -11.03 -11.01
CA CYS B 200 -20.07 -9.61 -11.18
C CYS B 200 -20.99 -8.87 -12.15
N SER B 201 -22.10 -8.38 -11.62
CA SER B 201 -23.09 -7.64 -12.42
C SER B 201 -22.66 -6.21 -12.67
N GLY B 202 -21.57 -5.81 -12.03
CA GLY B 202 -21.07 -4.45 -12.19
C GLY B 202 -21.83 -3.38 -11.41
N PRO B 203 -22.64 -3.73 -10.39
CA PRO B 203 -23.35 -2.67 -9.68
C PRO B 203 -22.44 -1.88 -8.75
N ALA B 204 -22.95 -0.77 -8.24
CA ALA B 204 -22.20 0.06 -7.33
C ALA B 204 -22.06 -0.65 -5.99
N SER B 205 -22.37 -1.96 -5.97
CA SER B 205 -22.30 -2.74 -4.75
C SER B 205 -21.28 -3.89 -4.78
N GLN B 206 -20.41 -3.89 -5.78
CA GLN B 206 -19.38 -4.92 -5.89
C GLN B 206 -18.03 -4.22 -6.01
N ARG B 207 -18.04 -2.92 -5.73
CA ARG B 207 -16.83 -2.10 -5.79
C ARG B 207 -16.28 -1.77 -4.41
N TRP B 208 -15.06 -2.21 -4.15
CA TRP B 208 -14.41 -1.94 -2.88
C TRP B 208 -13.09 -1.22 -3.15
N VAL B 209 -12.53 -0.58 -2.14
CA VAL B 209 -11.26 0.11 -2.30
C VAL B 209 -10.58 0.10 -0.94
N PHE B 210 -9.29 -0.24 -0.94
CA PHE B 210 -8.53 -0.30 0.31
C PHE B 210 -8.00 1.07 0.65
N ASP B 211 -8.58 1.71 1.67
CA ASP B 211 -8.15 3.05 2.09
C ASP B 211 -6.92 2.98 3.01
N ASP B 212 -6.30 4.14 3.22
CA ASP B 212 -5.12 4.21 4.07
C ASP B 212 -5.46 4.10 5.55
N ASP B 213 -6.74 4.23 5.88
CA ASP B 213 -7.15 4.12 7.27
C ASP B 213 -7.09 2.66 7.69
N GLY B 214 -6.63 1.82 6.78
CA GLY B 214 -6.50 0.40 7.08
C GLY B 214 -7.70 -0.48 6.76
N SER B 215 -8.80 0.12 6.30
CA SER B 215 -9.98 -0.69 5.99
C SER B 215 -10.42 -0.67 4.53
N ILE B 216 -11.36 -1.55 4.20
CA ILE B 216 -11.91 -1.66 2.86
C ILE B 216 -13.22 -0.90 2.86
N LEU B 217 -13.27 0.19 2.11
CA LEU B 217 -14.47 1.01 2.01
C LEU B 217 -15.21 0.70 0.72
N SER B 218 -16.52 0.88 0.71
CA SER B 218 -17.31 0.68 -0.51
C SER B 218 -17.91 2.03 -0.86
N LEU B 219 -17.21 2.74 -1.74
CA LEU B 219 -17.60 4.07 -2.19
C LEU B 219 -19.09 4.42 -2.16
N TYR B 220 -19.91 3.53 -2.70
CA TYR B 220 -21.34 3.71 -2.77
C TYR B 220 -21.98 4.20 -1.47
N ASP B 221 -21.77 3.45 -0.39
CA ASP B 221 -22.36 3.80 0.90
C ASP B 221 -21.36 4.31 1.95
N ASP B 222 -20.09 4.38 1.57
CA ASP B 222 -19.07 4.85 2.48
C ASP B 222 -18.98 3.99 3.75
N LYS B 223 -19.51 2.78 3.66
CA LYS B 223 -19.45 1.84 4.77
C LYS B 223 -18.15 1.09 4.57
N GLN B 224 -17.76 0.28 5.54
CA GLN B 224 -16.52 -0.47 5.45
C GLN B 224 -16.75 -1.96 5.74
N MET B 225 -15.76 -2.79 5.46
CA MET B 225 -15.89 -4.24 5.70
C MET B 225 -15.70 -4.58 7.17
N ASP B 226 -16.75 -5.17 7.75
CA ASP B 226 -16.77 -5.52 9.16
C ASP B 226 -17.27 -6.94 9.36
N SER B 227 -17.23 -7.38 10.62
CA SER B 227 -17.71 -8.70 11.01
C SER B 227 -18.95 -8.51 11.89
N GLU B 228 -19.76 -9.55 12.04
CA GLU B 228 -20.97 -9.46 12.87
C GLU B 228 -20.63 -9.25 14.35
N GLY B 229 -19.41 -9.60 14.73
CA GLY B 229 -19.00 -9.44 16.12
C GLY B 229 -17.61 -9.99 16.35
N ALA B 230 -17.43 -11.27 16.04
CA ALA B 230 -16.15 -11.95 16.20
C ALA B 230 -16.20 -13.31 15.52
N ALA B 231 -17.39 -13.92 15.53
CA ALA B 231 -17.60 -15.23 14.92
C ALA B 231 -17.02 -15.28 13.52
N ALA B 232 -15.86 -15.92 13.39
CA ALA B 232 -15.18 -16.04 12.10
C ALA B 232 -14.60 -17.44 11.90
N ALA B 233 -15.43 -18.33 11.36
CA ALA B 233 -15.03 -19.71 11.08
C ALA B 233 -16.26 -20.45 10.58
N ALA B 234 -17.40 -19.77 10.61
CA ALA B 234 -18.67 -20.34 10.17
C ALA B 234 -19.80 -19.32 10.24
N LYS B 235 -19.44 -18.04 10.42
CA LYS B 235 -20.44 -16.99 10.50
C LYS B 235 -20.51 -16.08 9.27
N GLN B 236 -20.60 -14.77 9.49
CA GLN B 236 -20.71 -13.82 8.39
C GLN B 236 -20.06 -12.45 8.62
N ILE B 237 -19.98 -11.70 7.53
CA ILE B 237 -19.39 -10.36 7.51
C ILE B 237 -20.45 -9.36 7.05
N ILE B 238 -20.46 -8.18 7.66
CA ILE B 238 -21.44 -7.15 7.33
C ILE B 238 -20.82 -5.80 6.91
N LEU B 239 -21.69 -4.85 6.59
CA LEU B 239 -21.29 -3.50 6.20
C LEU B 239 -21.71 -2.56 7.34
N TRP B 240 -20.74 -1.96 8.03
CA TRP B 240 -21.05 -1.04 9.11
C TRP B 240 -20.24 0.22 8.91
N TRP B 241 -20.62 1.31 9.59
CA TRP B 241 -19.91 2.57 9.44
C TRP B 241 -18.73 2.83 10.38
N ASN B 242 -18.05 3.94 10.12
CA ASN B 242 -16.88 4.40 10.86
C ASN B 242 -17.00 4.28 12.37
N ALA B 243 -16.65 3.12 12.92
CA ALA B 243 -16.73 2.95 14.37
C ALA B 243 -15.34 2.72 14.93
N ALA B 244 -14.34 2.94 14.09
CA ALA B 244 -12.93 2.78 14.47
C ALA B 244 -12.62 1.43 15.14
N GLU B 245 -13.54 0.48 15.03
CA GLU B 245 -13.35 -0.85 15.61
C GLU B 245 -12.12 -1.48 14.98
N PRO B 246 -11.32 -2.19 15.79
CA PRO B 246 -10.12 -2.83 15.25
C PRO B 246 -10.51 -3.98 14.34
N ASN B 247 -11.79 -4.32 14.37
CA ASN B 247 -12.34 -5.41 13.56
C ASN B 247 -12.65 -4.97 12.14
N GLN B 248 -12.67 -3.66 11.93
CA GLN B 248 -12.93 -3.10 10.62
C GLN B 248 -11.62 -2.95 9.86
N ILE B 249 -10.54 -3.34 10.52
CA ILE B 249 -9.21 -3.25 9.93
C ILE B 249 -8.85 -4.55 9.22
N TRP B 250 -8.33 -4.39 8.00
CA TRP B 250 -7.91 -5.52 7.17
C TRP B 250 -6.61 -5.13 6.48
N LEU B 251 -5.84 -6.13 6.06
CA LEU B 251 -4.58 -5.89 5.38
C LEU B 251 -4.36 -6.94 4.31
N ALA B 252 -4.16 -6.49 3.07
CA ALA B 252 -3.96 -7.40 1.96
C ALA B 252 -2.49 -7.84 1.86
N LEU B 253 -2.15 -8.92 2.55
CA LEU B 253 -0.79 -9.43 2.52
C LEU B 253 -0.60 -10.04 1.13
N PHE B 254 0.24 -9.42 0.29
CA PHE B 254 0.46 -9.93 -1.05
C PHE B 254 1.52 -11.03 -1.10
#